data_1V79
#
_entry.id   1V79
#
_cell.length_a   77.230
_cell.length_b   77.230
_cell.length_c   135.100
_cell.angle_alpha   90.00
_cell.angle_beta   90.00
_cell.angle_gamma   90.00
#
_symmetry.space_group_name_H-M   'P 43 21 2'
#
loop_
_entity.id
_entity.type
_entity.pdbx_description
1 polymer 'Adenosine deaminase'
2 non-polymer 'ZINC ION'
3 non-polymer 1-{(1R,2S)-1-[2-(2,3,-DICHLOROPHENYL)ETHYL]-2-HYDROXYPROPYL}-1H-IMIDAZOLE-4-CARBOXAMIDE
4 water water
#
_entity_poly.entity_id   1
_entity_poly.type   'polypeptide(L)'
_entity_poly.pdbx_seq_one_letter_code
;AQTPAFDKPKVELHVHLDGAIKPETILYYGKRRGIALPADTPEELQNIIGMDKPLTLPDFLAKFDYYMPAIAGCRDAIKR
IAYEFVEMKAKDGVVYVEVRYSPHLLANSKVEPIPWNQAEGDLTPDEVVSLVNQGLQEGERDFGVKVRSILCCMRHQPSW
SSEVVELCKKYREQTVVAIDLAGDETIEGSSLFPGHVQAYAEAVKSGVHRTVHAGEVGSANVVKEAVDTLKTERLGHGYH
TLEDTTLYNRLRQENMHFEICPWSSYLTGAWKPDTEHAVIRFKNDQVNYSLNTDDPLIFKSTLDTDYQMTKKDMGFTEEE
FKRLNINAAKSSFLPEDEKKELLDLLYKAYRMPSPA
;
_entity_poly.pdbx_strand_id   A
#
# COMPACT_ATOMS: atom_id res chain seq x y z
N THR A 3 1.83 22.75 13.26
CA THR A 3 2.30 21.32 13.42
C THR A 3 3.25 20.69 12.32
N PRO A 4 2.98 20.89 10.98
CA PRO A 4 3.51 19.99 9.92
C PRO A 4 5.01 19.72 9.88
N ALA A 5 5.32 18.48 9.63
CA ALA A 5 6.75 18.12 9.73
C ALA A 5 7.60 18.23 8.45
N PHE A 6 7.07 17.79 7.31
CA PHE A 6 7.60 18.47 6.09
C PHE A 6 6.42 18.94 5.25
N ASP A 7 6.06 20.25 5.34
CA ASP A 7 4.99 20.90 4.51
C ASP A 7 5.46 21.34 3.13
N LYS A 8 6.10 20.33 2.56
CA LYS A 8 6.49 20.35 1.18
C LYS A 8 5.78 19.25 0.45
N PRO A 9 5.65 19.42 -0.86
CA PRO A 9 4.92 18.34 -1.46
C PRO A 9 5.65 16.95 -1.27
N LYS A 10 4.75 15.94 -1.09
CA LYS A 10 5.33 14.61 -1.18
C LYS A 10 4.85 13.59 -2.22
N VAL A 11 5.73 12.62 -2.40
CA VAL A 11 5.35 11.37 -3.01
C VAL A 11 5.17 10.21 -2.05
N GLU A 12 4.26 9.28 -2.40
CA GLU A 12 3.96 8.16 -1.55
C GLU A 12 3.67 6.97 -2.39
N LEU A 13 4.39 5.86 -2.08
CA LEU A 13 4.28 4.68 -2.87
C LEU A 13 3.54 3.46 -2.32
N HIS A 14 3.24 3.58 -1.02
CA HIS A 14 2.79 2.39 -0.30
C HIS A 14 1.67 2.64 0.76
N VAL A 15 0.49 2.30 0.34
CA VAL A 15 -0.70 2.67 1.03
C VAL A 15 -1.97 1.89 0.58
N HIS A 16 -2.74 1.32 1.53
CA HIS A 16 -3.84 0.48 1.03
C HIS A 16 -5.19 1.18 1.00
N LEU A 17 -5.83 1.17 -0.15
CA LEU A 17 -7.19 1.75 -0.27
C LEU A 17 -8.23 1.32 0.80
N ASP A 18 -8.37 -0.01 0.99
CA ASP A 18 -9.11 -0.72 2.06
C ASP A 18 -8.63 -0.55 3.47
N GLY A 19 -7.52 0.11 3.62
CA GLY A 19 -7.18 0.61 4.95
C GLY A 19 -6.95 2.11 4.89
N ALA A 20 -7.69 2.67 3.95
CA ALA A 20 -7.79 4.13 3.86
C ALA A 20 -9.25 4.70 3.61
N ILE A 21 -10.12 4.20 4.45
CA ILE A 21 -11.48 4.68 4.38
C ILE A 21 -11.78 5.51 5.62
N LYS A 22 -12.62 6.49 5.37
CA LYS A 22 -13.16 7.23 6.53
C LYS A 22 -14.15 6.43 7.30
N PRO A 23 -13.98 6.44 8.61
CA PRO A 23 -15.00 5.85 9.44
C PRO A 23 -16.41 6.14 8.90
N GLU A 24 -16.62 7.44 8.53
CA GLU A 24 -18.02 7.79 8.25
C GLU A 24 -18.45 7.41 6.90
N THR A 25 -17.47 7.05 6.08
CA THR A 25 -18.03 6.41 4.91
C THR A 25 -18.42 4.98 5.08
N ILE A 26 -17.83 4.41 6.10
CA ILE A 26 -18.15 3.03 6.46
C ILE A 26 -19.54 2.95 7.15
N LEU A 27 -19.69 3.83 8.18
CA LEU A 27 -21.03 3.95 8.86
C LEU A 27 -22.15 4.25 7.88
N TYR A 28 -21.84 5.22 7.00
CA TYR A 28 -22.77 5.37 5.90
C TYR A 28 -23.17 4.14 5.15
N TYR A 29 -22.20 3.32 4.63
CA TYR A 29 -22.79 2.18 3.90
C TYR A 29 -23.28 1.01 4.74
N GLY A 30 -22.70 1.06 5.98
CA GLY A 30 -23.18 0.25 7.11
C GLY A 30 -24.72 0.41 7.22
N LYS A 31 -25.09 1.64 7.72
CA LYS A 31 -26.53 1.89 7.73
C LYS A 31 -27.19 1.88 6.42
N ARG A 32 -26.44 2.31 5.47
CA ARG A 32 -27.23 2.44 4.24
C ARG A 32 -27.71 1.14 3.69
N ARG A 33 -26.83 0.11 4.06
CA ARG A 33 -26.90 -1.26 3.45
C ARG A 33 -27.13 -2.44 4.42
N GLY A 34 -28.03 -2.21 5.37
CA GLY A 34 -28.08 -2.94 6.67
C GLY A 34 -26.94 -3.86 7.24
N ILE A 35 -25.65 -3.45 7.12
CA ILE A 35 -24.74 -4.29 7.92
C ILE A 35 -24.33 -3.65 9.21
N ALA A 36 -24.25 -4.43 10.28
CA ALA A 36 -23.77 -3.84 11.53
C ALA A 36 -22.25 -3.86 11.84
N LEU A 37 -21.79 -2.61 11.61
CA LEU A 37 -20.60 -2.11 12.34
C LEU A 37 -20.70 -2.22 13.89
N PRO A 38 -19.55 -2.36 14.61
CA PRO A 38 -19.58 -2.45 16.04
C PRO A 38 -19.58 -1.17 16.74
N ALA A 39 -20.34 -0.20 16.23
CA ALA A 39 -20.44 1.13 16.90
C ALA A 39 -21.20 2.07 16.01
N ASP A 40 -21.66 3.23 16.54
CA ASP A 40 -22.49 4.07 15.65
C ASP A 40 -22.33 5.57 15.49
N THR A 41 -21.15 5.95 16.07
CA THR A 41 -20.40 7.12 15.57
C THR A 41 -19.02 6.87 14.93
N PRO A 42 -18.91 7.51 13.76
CA PRO A 42 -17.57 7.67 13.20
C PRO A 42 -16.73 8.30 14.27
N GLU A 43 -15.94 7.53 15.03
CA GLU A 43 -15.22 8.09 16.21
C GLU A 43 -15.03 7.04 17.31
N GLU A 44 -16.22 6.43 17.67
CA GLU A 44 -16.18 5.20 18.41
C GLU A 44 -15.45 4.24 17.44
N LEU A 45 -15.97 4.35 16.15
CA LEU A 45 -15.41 3.46 15.14
C LEU A 45 -13.90 3.60 15.01
N GLN A 46 -13.46 4.83 14.73
CA GLN A 46 -12.01 4.98 14.58
C GLN A 46 -11.11 4.24 15.58
N ASN A 47 -11.38 4.60 16.81
CA ASN A 47 -10.75 4.09 18.05
C ASN A 47 -10.67 2.53 18.26
N ILE A 48 -11.78 1.92 17.83
CA ILE A 48 -12.11 0.53 17.52
C ILE A 48 -11.42 -0.16 16.29
N ILE A 49 -11.67 0.34 15.01
CA ILE A 49 -10.60 -0.07 14.10
C ILE A 49 -9.37 0.66 14.24
N GLY A 50 -9.04 0.92 15.42
CA GLY A 50 -7.85 1.70 15.44
C GLY A 50 -6.88 1.13 16.40
N MET A 51 -5.69 1.45 16.09
CA MET A 51 -4.83 0.59 16.85
C MET A 51 -3.83 1.44 17.63
N ASP A 52 -3.68 1.05 18.89
CA ASP A 52 -2.44 1.60 19.38
C ASP A 52 -1.55 0.72 20.22
N LYS A 53 -1.53 -0.58 19.76
CA LYS A 53 -0.54 -1.56 20.12
C LYS A 53 -0.37 -2.70 19.11
N PRO A 54 0.79 -3.30 19.08
CA PRO A 54 0.84 -4.57 18.36
C PRO A 54 -0.26 -5.56 18.79
N LEU A 55 -0.38 -6.64 18.04
CA LEU A 55 -1.74 -7.17 17.87
C LEU A 55 -1.65 -8.41 16.94
N THR A 56 -2.47 -9.41 17.11
CA THR A 56 -1.91 -10.68 16.60
C THR A 56 -2.19 -10.83 15.10
N LEU A 57 -1.52 -11.67 14.31
CA LEU A 57 -2.16 -11.74 12.99
C LEU A 57 -3.71 -11.81 12.87
N PRO A 58 -4.35 -12.70 13.68
CA PRO A 58 -5.81 -12.62 13.60
C PRO A 58 -6.52 -11.49 14.29
N ASP A 59 -6.02 -11.03 15.44
CA ASP A 59 -6.65 -9.92 16.22
C ASP A 59 -6.67 -8.66 15.26
N PHE A 60 -5.66 -8.64 14.31
CA PHE A 60 -5.46 -7.71 13.15
C PHE A 60 -6.22 -7.96 11.87
N LEU A 61 -6.28 -9.20 11.43
CA LEU A 61 -7.24 -9.39 10.33
C LEU A 61 -8.73 -9.16 10.62
N ALA A 62 -9.14 -9.48 11.87
CA ALA A 62 -10.58 -9.26 12.20
C ALA A 62 -11.17 -7.82 12.01
N LYS A 63 -10.20 -6.90 12.17
CA LYS A 63 -10.46 -5.56 11.69
C LYS A 63 -11.08 -5.46 10.27
N PHE A 64 -10.51 -6.17 9.31
CA PHE A 64 -11.16 -6.24 8.00
C PHE A 64 -12.68 -6.74 8.03
N ASP A 65 -13.02 -7.33 9.18
CA ASP A 65 -14.44 -7.75 9.19
C ASP A 65 -15.40 -6.77 9.89
N TYR A 66 -14.78 -5.95 10.73
CA TYR A 66 -15.60 -4.85 11.27
C TYR A 66 -16.16 -3.95 10.16
N TYR A 67 -15.23 -3.77 9.14
CA TYR A 67 -15.60 -2.69 8.21
C TYR A 67 -15.66 -3.05 6.76
N MET A 68 -15.08 -4.18 6.38
CA MET A 68 -15.12 -4.38 4.91
C MET A 68 -16.45 -4.78 4.37
N PRO A 69 -17.28 -5.65 5.03
CA PRO A 69 -18.60 -5.89 4.47
C PRO A 69 -19.47 -4.65 4.36
N ALA A 70 -18.96 -3.54 4.95
CA ALA A 70 -19.78 -2.43 4.40
C ALA A 70 -19.67 -1.97 2.89
N ILE A 71 -18.46 -2.29 2.31
CA ILE A 71 -18.05 -1.69 1.04
C ILE A 71 -17.95 -2.63 -0.11
N ALA A 72 -17.38 -3.74 0.27
CA ALA A 72 -17.39 -4.74 -0.77
C ALA A 72 -18.82 -5.18 -1.17
N GLY A 73 -19.01 -5.36 -2.48
CA GLY A 73 -20.39 -5.70 -2.84
C GLY A 73 -20.93 -4.49 -3.56
N CYS A 74 -20.93 -3.38 -2.73
CA CYS A 74 -21.40 -2.09 -3.16
C CYS A 74 -20.71 -1.18 -4.22
N ARG A 75 -20.99 -1.38 -5.54
CA ARG A 75 -20.41 -0.38 -6.47
C ARG A 75 -20.26 1.08 -6.03
N ASP A 76 -21.36 1.77 -5.64
CA ASP A 76 -21.25 3.18 -5.19
C ASP A 76 -20.16 3.37 -4.09
N ALA A 77 -20.03 2.36 -3.20
CA ALA A 77 -19.16 2.52 -2.02
C ALA A 77 -17.66 2.55 -2.40
N ILE A 78 -17.45 1.59 -3.32
CA ILE A 78 -16.12 1.33 -3.86
C ILE A 78 -15.59 2.53 -4.60
N LYS A 79 -16.50 2.95 -5.51
CA LYS A 79 -16.07 4.23 -6.13
C LYS A 79 -15.93 5.37 -5.15
N ARG A 80 -16.82 5.44 -4.19
CA ARG A 80 -16.67 6.49 -3.17
C ARG A 80 -15.38 6.45 -2.40
N ILE A 81 -15.01 5.26 -2.04
CA ILE A 81 -13.74 5.21 -1.29
C ILE A 81 -12.47 5.64 -2.11
N ALA A 82 -12.61 5.39 -3.43
CA ALA A 82 -11.51 5.66 -4.33
C ALA A 82 -11.32 7.16 -4.48
N TYR A 83 -12.40 7.83 -4.95
CA TYR A 83 -12.55 9.29 -4.64
C TYR A 83 -12.14 9.99 -3.33
N GLU A 84 -12.50 9.37 -2.21
CA GLU A 84 -12.15 10.12 -1.03
C GLU A 84 -10.78 9.84 -0.47
N PHE A 85 -10.23 8.72 -0.92
CA PHE A 85 -8.76 8.46 -0.74
C PHE A 85 -7.85 9.58 -1.38
N VAL A 86 -8.29 9.93 -2.57
CA VAL A 86 -7.56 10.96 -3.33
C VAL A 86 -7.60 12.35 -2.65
N GLU A 87 -8.89 12.63 -2.40
CA GLU A 87 -9.04 13.82 -1.56
C GLU A 87 -8.23 13.81 -0.21
N MET A 88 -8.19 12.64 0.40
CA MET A 88 -7.34 12.47 1.56
C MET A 88 -5.80 12.82 1.39
N LYS A 89 -5.32 12.27 0.25
CA LYS A 89 -3.94 12.48 -0.13
C LYS A 89 -3.65 13.93 -0.60
N ALA A 90 -4.66 14.58 -1.23
CA ALA A 90 -4.46 16.05 -1.40
C ALA A 90 -4.23 16.85 -0.16
N LYS A 91 -5.06 16.41 0.77
CA LYS A 91 -4.79 16.98 2.11
C LYS A 91 -3.53 16.68 2.81
N ASP A 92 -2.89 15.60 2.50
CA ASP A 92 -1.50 15.56 3.04
C ASP A 92 -0.43 16.33 2.23
N GLY A 93 -0.84 17.14 1.27
CA GLY A 93 0.25 17.66 0.48
C GLY A 93 0.97 16.69 -0.50
N VAL A 94 0.31 15.60 -0.85
CA VAL A 94 0.90 14.79 -1.87
C VAL A 94 0.55 15.16 -3.24
N VAL A 95 1.60 14.98 -4.07
CA VAL A 95 1.40 15.21 -5.57
C VAL A 95 1.32 14.02 -6.53
N TYR A 96 1.76 12.86 -5.97
CA TYR A 96 1.76 11.53 -6.60
C TYR A 96 1.77 10.35 -5.57
N VAL A 97 0.77 9.56 -5.76
CA VAL A 97 0.49 8.48 -4.82
C VAL A 97 0.28 7.23 -5.65
N GLU A 98 0.86 6.17 -5.11
CA GLU A 98 0.43 4.88 -5.64
C GLU A 98 -0.33 4.15 -4.63
N VAL A 99 -1.58 3.99 -5.00
CA VAL A 99 -2.57 3.34 -4.20
C VAL A 99 -2.84 1.89 -4.63
N ARG A 100 -2.89 1.06 -3.55
CA ARG A 100 -2.88 -0.44 -3.72
C ARG A 100 -4.04 -1.08 -3.08
N TYR A 101 -4.44 -2.12 -3.80
CA TYR A 101 -5.49 -3.00 -3.25
C TYR A 101 -5.70 -4.34 -4.02
N SER A 102 -6.39 -5.20 -3.32
CA SER A 102 -6.89 -6.41 -3.97
C SER A 102 -8.29 -6.22 -4.48
N PRO A 103 -8.45 -6.37 -5.78
CA PRO A 103 -9.83 -6.41 -6.28
C PRO A 103 -10.76 -7.58 -5.79
N HIS A 104 -10.25 -8.78 -5.70
CA HIS A 104 -11.10 -9.79 -5.09
C HIS A 104 -11.71 -9.39 -3.72
N LEU A 105 -10.89 -8.79 -2.89
CA LEU A 105 -11.41 -8.46 -1.56
C LEU A 105 -12.57 -7.37 -1.48
N LEU A 106 -12.75 -6.59 -2.63
CA LEU A 106 -14.04 -5.87 -2.71
C LEU A 106 -15.14 -6.53 -3.54
N ALA A 107 -14.89 -7.74 -4.09
CA ALA A 107 -15.84 -8.41 -4.96
C ALA A 107 -16.86 -9.32 -4.26
N ASN A 108 -18.06 -9.41 -4.88
CA ASN A 108 -18.96 -10.46 -4.37
C ASN A 108 -19.44 -11.37 -5.45
N SER A 109 -18.75 -11.30 -6.55
CA SER A 109 -19.10 -12.33 -7.53
C SER A 109 -17.92 -12.76 -8.37
N LYS A 110 -18.00 -13.99 -8.94
CA LYS A 110 -16.87 -14.44 -9.78
C LYS A 110 -15.53 -14.42 -9.00
N VAL A 111 -15.73 -14.67 -7.70
CA VAL A 111 -14.62 -14.93 -6.76
C VAL A 111 -14.85 -16.04 -5.65
N GLU A 112 -14.00 -17.07 -5.70
CA GLU A 112 -13.96 -18.14 -4.69
C GLU A 112 -12.61 -18.11 -4.01
N PRO A 113 -12.68 -18.10 -2.71
CA PRO A 113 -13.96 -18.07 -2.05
C PRO A 113 -14.38 -16.55 -1.74
N ILE A 114 -15.71 -16.44 -1.60
CA ILE A 114 -16.35 -15.14 -1.29
C ILE A 114 -15.83 -14.37 -0.08
N PRO A 115 -15.31 -13.19 -0.38
CA PRO A 115 -14.63 -12.55 0.76
C PRO A 115 -15.59 -12.19 1.92
N TRP A 116 -15.07 -12.16 3.18
CA TRP A 116 -16.00 -11.66 4.22
C TRP A 116 -17.44 -12.11 4.15
N ASN A 117 -17.75 -13.40 4.31
CA ASN A 117 -19.17 -13.74 4.49
C ASN A 117 -20.12 -13.00 3.59
N GLN A 118 -19.62 -12.75 2.36
CA GLN A 118 -20.60 -11.93 1.68
C GLN A 118 -21.53 -12.95 1.14
N ALA A 119 -22.77 -12.62 1.20
CA ALA A 119 -23.44 -13.52 0.25
C ALA A 119 -23.05 -13.13 -1.21
N GLU A 120 -22.78 -14.14 -2.09
CA GLU A 120 -22.78 -13.94 -3.51
C GLU A 120 -23.74 -12.80 -3.91
N GLY A 121 -23.29 -11.98 -4.85
CA GLY A 121 -24.04 -10.85 -5.38
C GLY A 121 -23.63 -10.87 -6.84
N ASP A 122 -23.47 -9.71 -7.51
CA ASP A 122 -22.97 -9.39 -8.88
C ASP A 122 -21.74 -8.53 -9.14
N LEU A 123 -21.13 -8.09 -8.05
CA LEU A 123 -19.99 -7.18 -8.35
C LEU A 123 -18.71 -7.91 -8.42
N THR A 124 -18.28 -7.86 -9.62
CA THR A 124 -17.12 -8.74 -9.83
C THR A 124 -15.70 -8.12 -9.63
N PRO A 125 -14.65 -9.00 -9.56
CA PRO A 125 -13.31 -8.46 -9.57
C PRO A 125 -12.87 -7.58 -10.74
N ASP A 126 -13.35 -7.88 -11.91
CA ASP A 126 -13.13 -6.89 -12.94
C ASP A 126 -13.85 -5.49 -12.73
N GLU A 127 -15.08 -5.48 -12.18
CA GLU A 127 -15.82 -4.20 -12.11
C GLU A 127 -15.43 -3.31 -10.95
N VAL A 128 -15.04 -3.95 -9.85
CA VAL A 128 -14.12 -3.28 -8.90
C VAL A 128 -13.01 -2.49 -9.67
N VAL A 129 -12.33 -3.10 -10.70
CA VAL A 129 -11.20 -2.26 -11.14
C VAL A 129 -11.60 -0.94 -11.81
N SER A 130 -12.54 -1.10 -12.72
CA SER A 130 -13.27 0.02 -13.29
C SER A 130 -13.82 1.07 -12.35
N LEU A 131 -14.45 0.62 -11.24
CA LEU A 131 -15.00 1.57 -10.31
C LEU A 131 -13.98 2.33 -9.52
N VAL A 132 -12.93 1.54 -9.17
CA VAL A 132 -11.75 2.12 -8.47
C VAL A 132 -11.04 3.18 -9.36
N ASN A 133 -10.90 2.83 -10.65
CA ASN A 133 -10.42 3.74 -11.71
C ASN A 133 -11.22 5.00 -11.92
N GLN A 134 -12.53 4.79 -11.99
CA GLN A 134 -13.46 5.85 -12.24
C GLN A 134 -13.21 6.85 -11.09
N GLY A 135 -13.16 6.25 -9.87
CA GLY A 135 -13.13 7.18 -8.72
C GLY A 135 -11.79 7.92 -8.47
N LEU A 136 -10.71 7.14 -8.71
CA LEU A 136 -9.33 7.61 -8.70
C LEU A 136 -9.10 8.70 -9.80
N GLN A 137 -9.59 8.45 -10.98
CA GLN A 137 -9.45 9.50 -12.03
C GLN A 137 -10.27 10.79 -11.77
N GLU A 138 -11.56 10.58 -11.49
CA GLU A 138 -12.30 11.78 -11.16
C GLU A 138 -11.72 12.50 -9.96
N GLY A 139 -11.26 11.63 -9.01
CA GLY A 139 -10.50 12.15 -7.87
C GLY A 139 -9.38 13.07 -8.26
N GLU A 140 -8.48 12.57 -9.08
CA GLU A 140 -7.33 13.29 -9.61
C GLU A 140 -7.57 14.69 -10.30
N ARG A 141 -8.51 14.58 -11.19
CA ARG A 141 -9.12 15.77 -11.71
C ARG A 141 -9.61 16.88 -10.74
N ASP A 142 -10.20 16.48 -9.59
CA ASP A 142 -10.77 17.50 -8.64
C ASP A 142 -9.79 18.02 -7.56
N PHE A 143 -8.99 17.13 -7.01
CA PHE A 143 -8.17 17.67 -5.96
C PHE A 143 -6.74 17.95 -6.33
N GLY A 144 -6.55 17.77 -7.64
CA GLY A 144 -5.22 17.72 -8.31
C GLY A 144 -4.07 16.94 -7.75
N VAL A 145 -4.38 15.67 -7.45
CA VAL A 145 -3.27 14.78 -7.11
C VAL A 145 -3.09 13.83 -8.23
N LYS A 146 -1.84 13.63 -8.57
CA LYS A 146 -1.67 12.48 -9.46
C LYS A 146 -1.88 11.06 -8.89
N VAL A 147 -2.68 10.23 -9.58
CA VAL A 147 -2.90 8.93 -8.99
C VAL A 147 -2.65 7.70 -9.88
N ARG A 148 -1.65 6.91 -9.49
CA ARG A 148 -1.85 5.52 -9.95
C ARG A 148 -2.30 4.40 -8.92
N SER A 149 -2.76 3.32 -9.50
CA SER A 149 -3.08 2.21 -8.66
C SER A 149 -2.16 0.94 -8.79
N ILE A 150 -2.28 0.05 -7.86
CA ILE A 150 -1.54 -1.17 -7.89
C ILE A 150 -2.48 -2.29 -7.43
N LEU A 151 -2.58 -3.33 -8.25
CA LEU A 151 -3.34 -4.52 -7.75
C LEU A 151 -2.52 -5.57 -6.96
N CYS A 152 -2.98 -5.90 -5.79
CA CYS A 152 -2.46 -6.99 -4.98
C CYS A 152 -3.05 -8.41 -5.14
N CYS A 153 -2.10 -9.29 -5.48
CA CYS A 153 -2.12 -10.71 -5.07
C CYS A 153 -2.07 -11.00 -3.59
N MET A 154 -2.82 -12.02 -3.30
CA MET A 154 -2.79 -12.49 -1.91
C MET A 154 -1.97 -13.81 -1.74
N ARG A 155 -1.04 -13.61 -0.80
CA ARG A 155 -0.28 -14.71 -0.26
C ARG A 155 -0.99 -16.05 -0.24
N HIS A 156 -2.18 -15.95 0.29
CA HIS A 156 -2.80 -17.23 0.60
C HIS A 156 -3.70 -17.77 -0.41
N GLN A 157 -3.59 -17.15 -1.58
CA GLN A 157 -4.63 -17.38 -2.54
C GLN A 157 -4.18 -17.19 -3.93
N PRO A 158 -3.20 -18.04 -4.31
CA PRO A 158 -2.58 -17.85 -5.64
C PRO A 158 -3.42 -18.33 -6.84
N SER A 159 -4.57 -18.91 -6.49
CA SER A 159 -5.65 -18.91 -7.49
C SER A 159 -6.14 -17.56 -8.04
N TRP A 160 -5.83 -16.54 -7.27
CA TRP A 160 -6.16 -15.25 -7.82
C TRP A 160 -5.05 -14.70 -8.71
N SER A 161 -3.86 -15.17 -8.54
CA SER A 161 -2.81 -14.33 -9.09
C SER A 161 -2.77 -13.95 -10.57
N SER A 162 -2.96 -14.94 -11.33
CA SER A 162 -3.18 -14.57 -12.72
C SER A 162 -4.43 -13.73 -13.12
N GLU A 163 -5.52 -13.81 -12.41
CA GLU A 163 -6.49 -12.80 -12.77
C GLU A 163 -6.00 -11.37 -12.49
N VAL A 164 -5.25 -11.32 -11.39
CA VAL A 164 -4.51 -10.13 -11.05
C VAL A 164 -3.60 -9.56 -12.09
N VAL A 165 -2.64 -10.42 -12.63
CA VAL A 165 -1.85 -9.84 -13.71
C VAL A 165 -2.65 -9.42 -14.89
N GLU A 166 -3.60 -10.28 -15.20
CA GLU A 166 -4.45 -9.99 -16.33
C GLU A 166 -5.17 -8.69 -16.24
N LEU A 167 -5.70 -8.45 -15.05
CA LEU A 167 -6.36 -7.21 -14.63
C LEU A 167 -5.39 -6.04 -14.73
N CYS A 168 -4.15 -6.26 -14.24
CA CYS A 168 -3.10 -5.29 -14.47
C CYS A 168 -2.81 -5.01 -15.92
N LYS A 169 -2.99 -5.98 -16.80
CA LYS A 169 -2.60 -5.52 -18.13
C LYS A 169 -3.65 -4.81 -18.97
N LYS A 170 -4.85 -5.30 -18.66
CA LYS A 170 -6.14 -4.87 -19.13
C LYS A 170 -6.31 -3.44 -18.90
N TYR A 171 -6.04 -3.00 -17.65
CA TYR A 171 -6.26 -1.61 -17.27
C TYR A 171 -4.97 -0.75 -17.11
N ARG A 172 -3.93 -1.13 -17.85
CA ARG A 172 -2.71 -0.33 -17.73
C ARG A 172 -2.69 1.21 -18.15
N GLU A 173 -1.89 2.09 -17.34
CA GLU A 173 -1.89 3.60 -16.96
C GLU A 173 -3.22 4.42 -16.73
N GLN A 174 -4.21 3.90 -17.53
CA GLN A 174 -5.65 3.96 -17.19
C GLN A 174 -6.31 3.11 -16.07
N THR A 175 -5.98 3.09 -14.73
CA THR A 175 -4.92 3.71 -13.86
C THR A 175 -3.86 2.69 -13.31
N VAL A 176 -3.95 1.41 -13.75
CA VAL A 176 -2.98 0.53 -13.09
C VAL A 176 -1.56 0.37 -13.56
N VAL A 177 -0.73 0.52 -12.55
CA VAL A 177 0.70 0.45 -12.89
C VAL A 177 1.55 -0.79 -12.51
N ALA A 178 0.99 -1.69 -11.69
CA ALA A 178 1.92 -2.71 -11.19
C ALA A 178 1.05 -3.79 -10.45
N ILE A 179 1.69 -4.93 -10.26
CA ILE A 179 1.32 -6.00 -9.33
C ILE A 179 2.03 -6.01 -7.93
N ASP A 180 1.25 -6.42 -6.97
CA ASP A 180 1.79 -6.62 -5.66
C ASP A 180 1.45 -7.97 -5.06
N LEU A 181 2.30 -8.23 -4.00
CA LEU A 181 2.09 -9.35 -3.16
C LEU A 181 1.83 -8.96 -1.74
N ALA A 182 0.63 -9.21 -1.43
CA ALA A 182 0.32 -8.95 -0.03
C ALA A 182 -0.37 -10.03 0.72
N GLY A 183 -0.51 -9.87 2.00
CA GLY A 183 -1.09 -10.79 2.99
C GLY A 183 -0.14 -11.36 3.99
N ASP A 184 -0.47 -12.57 4.44
CA ASP A 184 0.38 -13.14 5.49
C ASP A 184 1.71 -13.58 4.97
N GLU A 185 2.67 -12.70 4.89
CA GLU A 185 4.00 -13.18 4.48
C GLU A 185 4.57 -14.39 5.21
N THR A 186 3.94 -14.90 6.26
CA THR A 186 4.57 -16.04 6.96
C THR A 186 4.01 -17.40 6.60
N ILE A 187 3.09 -17.41 5.62
CA ILE A 187 2.84 -18.66 5.01
C ILE A 187 4.03 -19.23 4.30
N GLU A 188 4.33 -20.36 4.86
CA GLU A 188 5.45 -21.05 4.29
C GLU A 188 5.28 -21.63 2.93
N GLY A 189 6.36 -21.32 2.24
CA GLY A 189 6.53 -21.49 0.85
C GLY A 189 5.99 -20.44 -0.06
N SER A 190 5.18 -19.48 0.52
CA SER A 190 4.21 -18.65 -0.20
C SER A 190 4.69 -17.88 -1.38
N SER A 191 5.94 -17.34 -1.28
CA SER A 191 6.51 -16.62 -2.46
C SER A 191 6.76 -17.44 -3.72
N LEU A 192 6.95 -18.70 -3.42
CA LEU A 192 7.22 -19.63 -4.47
C LEU A 192 5.95 -20.37 -4.85
N PHE A 193 4.82 -20.00 -4.23
CA PHE A 193 3.64 -20.73 -4.68
C PHE A 193 3.47 -20.44 -6.17
N PRO A 194 3.34 -21.51 -6.94
CA PRO A 194 3.42 -21.40 -8.41
C PRO A 194 2.38 -20.50 -9.14
N GLY A 195 1.15 -20.45 -8.54
CA GLY A 195 0.29 -19.25 -8.72
C GLY A 195 0.96 -17.87 -8.55
N HIS A 196 1.65 -17.59 -7.45
CA HIS A 196 2.41 -16.40 -7.59
C HIS A 196 3.64 -16.23 -8.59
N VAL A 197 4.45 -17.28 -8.70
CA VAL A 197 5.61 -17.22 -9.60
C VAL A 197 5.25 -16.94 -11.03
N GLN A 198 4.24 -17.71 -11.40
CA GLN A 198 3.78 -17.50 -12.78
C GLN A 198 3.14 -16.15 -13.09
N ALA A 199 2.42 -15.67 -12.04
CA ALA A 199 1.94 -14.29 -12.08
C ALA A 199 2.97 -13.17 -12.23
N TYR A 200 4.01 -13.17 -11.41
CA TYR A 200 5.20 -12.34 -11.60
C TYR A 200 5.93 -12.58 -12.85
N ALA A 201 6.03 -13.85 -13.21
CA ALA A 201 6.72 -14.12 -14.48
C ALA A 201 6.08 -13.51 -15.66
N GLU A 202 4.76 -13.55 -15.60
CA GLU A 202 3.89 -12.90 -16.61
C GLU A 202 3.87 -11.36 -16.63
N ALA A 203 3.82 -10.81 -15.43
CA ALA A 203 4.25 -9.46 -15.26
C ALA A 203 5.59 -9.02 -15.94
N VAL A 204 6.49 -9.96 -15.95
CA VAL A 204 7.73 -9.72 -16.71
C VAL A 204 7.59 -9.89 -18.20
N LYS A 205 6.73 -10.81 -18.59
CA LYS A 205 6.49 -11.04 -20.02
C LYS A 205 5.95 -9.81 -20.63
N SER A 206 5.13 -9.09 -19.83
CA SER A 206 4.41 -8.00 -20.49
C SER A 206 4.42 -6.57 -19.95
N GLY A 207 5.67 -6.23 -19.44
CA GLY A 207 6.13 -5.06 -18.75
C GLY A 207 5.20 -4.55 -17.69
N VAL A 208 4.72 -5.49 -16.86
CA VAL A 208 4.06 -4.83 -15.77
C VAL A 208 4.98 -4.70 -14.57
N HIS A 209 5.12 -3.53 -14.06
CA HIS A 209 5.88 -3.31 -12.85
C HIS A 209 5.47 -4.15 -11.60
N ARG A 210 6.49 -4.39 -10.83
CA ARG A 210 6.41 -5.27 -9.67
C ARG A 210 6.84 -4.68 -8.28
N THR A 211 5.93 -4.75 -7.27
CA THR A 211 6.43 -4.63 -5.90
C THR A 211 5.98 -5.83 -5.14
N VAL A 212 6.59 -6.10 -3.99
CA VAL A 212 6.12 -7.22 -3.12
C VAL A 212 6.22 -6.87 -1.63
N HIS A 213 5.19 -7.18 -0.83
CA HIS A 213 5.50 -7.13 0.64
C HIS A 213 6.47 -8.24 1.18
N ALA A 214 7.64 -7.78 1.69
CA ALA A 214 8.56 -8.74 2.29
C ALA A 214 9.47 -8.17 3.33
N GLY A 215 9.83 -8.99 4.25
CA GLY A 215 10.72 -8.41 5.24
C GLY A 215 10.13 -7.56 6.32
N GLU A 216 8.81 -7.52 6.34
CA GLU A 216 8.25 -6.66 7.38
C GLU A 216 8.13 -7.47 8.68
N VAL A 217 7.91 -8.77 8.45
CA VAL A 217 7.69 -9.77 9.49
C VAL A 217 8.42 -11.05 9.08
N GLY A 218 8.21 -11.50 7.85
CA GLY A 218 9.03 -12.63 7.47
C GLY A 218 10.49 -12.27 7.27
N SER A 219 11.25 -13.34 7.32
CA SER A 219 12.71 -13.26 7.25
C SER A 219 13.37 -12.78 5.95
N ALA A 220 14.70 -12.55 6.06
CA ALA A 220 15.49 -12.22 4.88
C ALA A 220 15.43 -13.17 3.73
N ASN A 221 15.07 -14.39 4.06
CA ASN A 221 14.74 -15.35 2.99
C ASN A 221 13.61 -14.96 2.06
N VAL A 222 12.62 -14.33 2.69
CA VAL A 222 11.50 -13.78 1.94
C VAL A 222 11.76 -12.55 1.09
N VAL A 223 12.61 -11.68 1.68
CA VAL A 223 13.11 -10.78 0.69
C VAL A 223 13.92 -11.39 -0.46
N LYS A 224 14.92 -12.30 -0.11
CA LYS A 224 15.55 -12.74 -1.40
C LYS A 224 14.68 -13.64 -2.35
N GLU A 225 13.72 -14.32 -1.87
CA GLU A 225 12.84 -14.84 -2.90
C GLU A 225 12.08 -13.82 -3.71
N ALA A 226 11.67 -12.72 -2.98
CA ALA A 226 11.25 -11.63 -3.78
C ALA A 226 12.17 -11.08 -4.88
N VAL A 227 13.41 -10.86 -4.63
CA VAL A 227 14.26 -10.36 -5.71
C VAL A 227 14.48 -11.40 -6.80
N ASP A 228 14.90 -12.60 -6.34
CA ASP A 228 15.52 -13.52 -7.26
C ASP A 228 14.46 -14.33 -7.95
N THR A 229 13.36 -14.53 -7.24
CA THR A 229 12.40 -15.40 -7.95
C THR A 229 11.19 -14.65 -8.40
N LEU A 230 10.66 -13.75 -7.57
CA LEU A 230 9.58 -13.04 -8.25
C LEU A 230 10.06 -11.86 -9.10
N LYS A 231 11.42 -11.66 -9.02
CA LYS A 231 11.95 -10.45 -9.65
C LYS A 231 11.32 -9.03 -9.37
N THR A 232 11.04 -8.67 -8.09
CA THR A 232 10.54 -7.31 -7.86
C THR A 232 11.43 -6.12 -8.18
N GLU A 233 10.82 -4.99 -8.52
CA GLU A 233 11.64 -3.75 -8.59
C GLU A 233 11.75 -2.98 -7.31
N ARG A 234 10.81 -3.33 -6.44
CA ARG A 234 10.65 -2.57 -5.20
C ARG A 234 10.23 -3.54 -4.07
N LEU A 235 10.62 -3.15 -2.88
CA LEU A 235 10.05 -3.98 -1.87
C LEU A 235 9.14 -3.25 -0.94
N GLY A 236 7.94 -3.70 -0.70
CA GLY A 236 7.32 -3.19 0.52
C GLY A 236 7.75 -3.76 1.91
N HIS A 237 8.07 -2.81 2.77
CA HIS A 237 8.95 -2.89 3.94
C HIS A 237 10.45 -3.27 3.76
N GLY A 238 10.78 -4.55 3.81
CA GLY A 238 12.15 -4.97 3.58
C GLY A 238 13.05 -4.75 4.76
N TYR A 239 12.45 -4.60 5.95
CA TYR A 239 13.29 -4.41 7.18
C TYR A 239 14.23 -5.59 7.47
N HIS A 240 13.59 -6.72 7.54
CA HIS A 240 14.42 -7.94 7.80
C HIS A 240 15.58 -8.23 6.86
N THR A 241 15.60 -7.53 5.68
CA THR A 241 16.75 -7.44 4.79
C THR A 241 18.10 -7.24 5.49
N LEU A 242 18.05 -6.46 6.55
CA LEU A 242 19.27 -6.36 7.37
C LEU A 242 19.90 -7.63 7.98
N GLU A 243 19.07 -8.65 8.07
CA GLU A 243 19.68 -9.71 8.84
C GLU A 243 20.61 -10.70 8.08
N ASP A 244 20.77 -10.37 6.76
CA ASP A 244 21.62 -10.95 5.75
C ASP A 244 22.50 -9.92 5.04
N THR A 245 23.68 -9.75 5.64
CA THR A 245 24.60 -8.74 5.07
C THR A 245 24.86 -8.74 3.56
N THR A 246 25.16 -9.89 3.05
CA THR A 246 25.23 -9.95 1.59
C THR A 246 23.95 -9.50 0.82
N LEU A 247 22.78 -9.84 1.34
CA LEU A 247 21.60 -9.37 0.62
C LEU A 247 21.37 -7.84 0.73
N TYR A 248 21.64 -7.34 1.95
CA TYR A 248 21.63 -5.90 2.09
C TYR A 248 22.61 -5.17 1.19
N ASN A 249 23.78 -5.76 1.19
CA ASN A 249 24.82 -5.16 0.35
C ASN A 249 24.49 -5.02 -1.10
N ARG A 250 24.04 -6.16 -1.58
CA ARG A 250 23.66 -6.17 -2.98
C ARG A 250 22.41 -5.46 -3.31
N LEU A 251 21.50 -5.38 -2.39
CA LEU A 251 20.45 -4.51 -2.80
C LEU A 251 20.78 -2.99 -2.69
N ARG A 252 21.86 -2.62 -2.00
CA ARG A 252 22.23 -1.21 -1.82
C ARG A 252 22.94 -0.69 -3.02
N GLN A 253 23.74 -1.65 -3.45
CA GLN A 253 24.41 -1.62 -4.76
C GLN A 253 23.58 -1.64 -6.06
N GLU A 254 22.45 -2.39 -5.91
CA GLU A 254 21.50 -2.23 -7.00
C GLU A 254 20.52 -1.05 -6.92
N ASN A 255 20.76 -0.25 -5.87
CA ASN A 255 19.74 0.79 -5.72
C ASN A 255 18.21 0.35 -5.68
N MET A 256 18.00 -0.83 -5.10
CA MET A 256 16.61 -1.23 -4.89
C MET A 256 15.77 -0.19 -4.02
N HIS A 257 14.50 -0.02 -4.44
CA HIS A 257 13.61 0.78 -3.61
C HIS A 257 12.93 0.16 -2.33
N PHE A 258 13.09 0.84 -1.26
CA PHE A 258 12.43 0.34 -0.04
C PHE A 258 11.14 1.16 0.37
N GLU A 259 10.03 0.49 0.31
CA GLU A 259 8.78 1.09 0.72
C GLU A 259 8.50 1.13 2.18
N ILE A 260 8.97 2.22 2.84
CA ILE A 260 9.04 2.19 4.32
C ILE A 260 7.87 2.68 4.99
N CYS A 261 7.40 1.89 5.89
CA CYS A 261 6.25 2.44 6.63
C CYS A 261 6.44 2.66 8.17
N PRO A 262 7.15 3.72 8.58
CA PRO A 262 7.59 3.83 10.01
C PRO A 262 6.52 3.78 11.15
N TRP A 263 5.55 4.72 11.11
CA TRP A 263 4.46 4.46 12.05
C TRP A 263 3.90 2.99 12.06
N SER A 264 3.23 2.55 11.04
CA SER A 264 2.90 1.14 10.75
C SER A 264 3.69 0.05 11.38
N SER A 265 5.01 0.21 11.25
CA SER A 265 5.86 -0.77 11.94
C SER A 265 6.01 -0.76 13.48
N TYR A 266 5.99 0.51 14.06
CA TYR A 266 5.82 0.43 15.50
C TYR A 266 4.46 -0.22 15.80
N LEU A 267 3.39 0.36 15.14
CA LEU A 267 2.12 -0.20 15.50
C LEU A 267 2.05 -1.69 15.45
N THR A 268 2.59 -2.17 14.34
CA THR A 268 2.36 -3.61 14.08
C THR A 268 3.13 -4.56 14.89
N GLY A 269 4.11 -4.07 15.58
CA GLY A 269 4.95 -5.15 16.03
C GLY A 269 6.19 -5.51 15.24
N ALA A 270 6.12 -5.34 13.91
CA ALA A 270 7.21 -5.59 13.00
C ALA A 270 8.53 -5.00 13.52
N TRP A 271 8.31 -3.72 14.02
CA TRP A 271 9.45 -3.05 14.63
C TRP A 271 9.35 -2.78 16.13
N LYS A 272 10.40 -3.18 16.80
CA LYS A 272 10.31 -2.89 18.27
C LYS A 272 11.29 -1.84 18.70
N PRO A 273 10.81 -1.12 19.73
CA PRO A 273 11.52 0.11 19.99
C PRO A 273 12.77 0.07 20.91
N ASP A 274 13.07 -1.11 21.56
CA ASP A 274 14.51 -1.01 22.07
C ASP A 274 15.63 -1.29 21.00
N THR A 275 15.06 -1.58 19.83
CA THR A 275 15.96 -1.70 18.70
C THR A 275 16.19 -0.38 17.91
N GLU A 276 17.32 -0.40 17.20
CA GLU A 276 17.55 0.57 16.08
C GLU A 276 16.41 0.60 15.05
N HIS A 277 15.42 1.55 15.07
CA HIS A 277 14.59 1.52 13.85
C HIS A 277 15.20 1.37 12.46
N ALA A 278 14.76 0.21 11.77
CA ALA A 278 15.37 0.03 10.43
C ALA A 278 15.61 1.26 9.45
N VAL A 279 14.69 2.22 9.48
CA VAL A 279 14.86 3.46 8.61
C VAL A 279 16.07 4.38 8.88
N ILE A 280 16.34 4.43 10.19
CA ILE A 280 17.58 5.13 10.49
C ILE A 280 18.87 4.55 9.89
N ARG A 281 18.85 3.23 9.90
CA ARG A 281 19.92 2.58 9.17
C ARG A 281 19.90 2.95 7.69
N PHE A 282 18.62 2.88 7.22
CA PHE A 282 18.63 3.14 5.77
C PHE A 282 19.18 4.52 5.38
N LYS A 283 18.73 5.42 6.22
CA LYS A 283 19.16 6.81 6.12
C LYS A 283 20.66 7.01 6.26
N ASN A 284 21.22 6.39 7.33
CA ASN A 284 22.70 6.38 7.44
C ASN A 284 23.40 5.86 6.20
N ASP A 285 22.71 4.84 5.63
CA ASP A 285 23.44 4.15 4.53
C ASP A 285 23.17 4.64 3.10
N GLN A 286 22.40 5.74 3.06
CA GLN A 286 22.01 6.28 1.75
C GLN A 286 21.24 5.36 0.79
N VAL A 287 20.39 4.62 1.42
CA VAL A 287 19.37 3.78 0.73
C VAL A 287 18.30 4.52 -0.18
N ASN A 288 17.90 3.76 -1.16
CA ASN A 288 16.72 4.31 -1.82
C ASN A 288 15.47 3.84 -1.14
N TYR A 289 14.88 4.74 -0.37
CA TYR A 289 13.58 4.58 0.32
C TYR A 289 12.59 5.76 0.46
N SER A 290 11.37 5.31 0.62
CA SER A 290 10.29 6.30 0.71
C SER A 290 9.55 6.11 2.00
N LEU A 291 8.75 7.12 2.36
CA LEU A 291 8.09 7.07 3.66
C LEU A 291 6.66 7.01 3.36
N ASN A 292 5.99 6.19 4.08
CA ASN A 292 4.69 5.82 3.58
C ASN A 292 3.76 5.45 4.73
N THR A 293 2.54 5.45 4.38
CA THR A 293 1.63 5.42 5.54
C THR A 293 0.90 4.18 5.90
N ASP A 294 0.88 3.27 4.87
CA ASP A 294 0.32 1.94 4.89
C ASP A 294 -1.24 1.91 4.95
N ASP A 295 -1.69 2.41 6.07
CA ASP A 295 -3.09 2.30 6.38
C ASP A 295 -3.47 3.38 7.39
N PRO A 296 -3.83 4.58 6.89
CA PRO A 296 -4.35 5.68 7.79
C PRO A 296 -5.50 5.22 8.69
N LEU A 297 -6.39 4.34 8.13
CA LEU A 297 -7.49 3.84 9.00
C LEU A 297 -7.10 3.13 10.32
N ILE A 298 -6.23 2.13 10.15
CA ILE A 298 -5.97 1.19 11.20
C ILE A 298 -4.94 1.69 12.16
N PHE A 299 -4.06 2.39 11.51
CA PHE A 299 -3.02 3.08 12.29
C PHE A 299 -3.31 4.47 12.89
N LYS A 300 -4.58 4.98 12.66
CA LYS A 300 -5.08 6.32 13.12
C LYS A 300 -4.12 7.39 12.73
N SER A 301 -3.81 7.36 11.45
CA SER A 301 -2.66 8.20 11.06
C SER A 301 -2.93 9.03 9.83
N THR A 302 -2.05 10.02 9.63
CA THR A 302 -1.90 10.61 8.29
C THR A 302 -0.43 10.59 7.91
N LEU A 303 -0.14 10.88 6.64
CA LEU A 303 1.30 10.98 6.26
C LEU A 303 2.26 11.71 7.15
N ASP A 304 1.80 12.86 7.61
CA ASP A 304 2.48 13.71 8.57
C ASP A 304 2.76 12.97 9.94
N THR A 305 1.86 11.98 10.25
CA THR A 305 2.28 11.06 11.31
C THR A 305 3.63 10.43 11.14
N ASP A 306 3.80 9.88 9.95
CA ASP A 306 5.08 9.26 9.62
C ASP A 306 6.28 10.26 9.70
N TYR A 307 6.05 11.41 9.07
CA TYR A 307 7.13 12.40 9.12
C TYR A 307 7.45 12.91 10.52
N GLN A 308 6.39 12.93 11.28
CA GLN A 308 6.69 13.34 12.65
C GLN A 308 7.59 12.40 13.37
N MET A 309 7.32 11.09 13.22
CA MET A 309 8.23 10.23 14.01
C MET A 309 9.62 10.28 13.56
N THR A 310 9.82 10.34 12.27
CA THR A 310 11.26 10.33 12.00
C THR A 310 11.89 11.72 12.25
N LYS A 311 11.03 12.76 12.06
CA LYS A 311 11.62 14.10 12.40
C LYS A 311 12.07 14.16 13.89
N LYS A 312 10.97 14.19 14.60
CA LYS A 312 10.96 14.04 16.05
C LYS A 312 11.58 12.84 16.79
N ASP A 313 11.34 11.63 16.27
CA ASP A 313 12.24 10.65 16.92
C ASP A 313 13.59 10.19 16.45
N MET A 314 14.03 10.56 15.25
CA MET A 314 15.14 9.81 14.61
C MET A 314 16.17 10.70 13.90
N GLY A 315 16.10 11.97 14.36
CA GLY A 315 16.84 13.13 13.73
C GLY A 315 16.56 13.55 12.27
N PHE A 316 15.46 13.06 11.67
CA PHE A 316 15.41 13.27 10.23
C PHE A 316 15.39 14.74 9.84
N THR A 317 16.39 15.08 9.08
CA THR A 317 16.29 16.50 8.63
C THR A 317 15.51 16.72 7.38
N GLU A 318 14.93 17.87 7.29
CA GLU A 318 14.27 18.23 6.04
C GLU A 318 14.98 17.74 4.80
N GLU A 319 16.16 18.18 4.62
CA GLU A 319 16.93 17.51 3.57
C GLU A 319 16.88 15.96 3.32
N GLU A 320 17.03 15.09 4.33
CA GLU A 320 16.54 13.71 4.10
C GLU A 320 15.12 13.59 3.51
N PHE A 321 14.17 14.30 4.17
CA PHE A 321 12.90 14.45 3.54
C PHE A 321 12.97 14.70 2.06
N LYS A 322 13.86 15.62 1.72
CA LYS A 322 13.83 15.94 0.33
C LYS A 322 14.28 14.78 -0.54
N ARG A 323 15.36 14.19 -0.01
CA ARG A 323 16.03 13.08 -0.73
C ARG A 323 15.13 11.90 -0.99
N LEU A 324 14.41 11.55 0.08
CA LEU A 324 13.48 10.50 0.14
C LEU A 324 12.28 10.62 -0.74
N ASN A 325 11.76 11.85 -0.79
CA ASN A 325 10.81 12.08 -1.87
C ASN A 325 11.28 12.05 -3.35
N ILE A 326 12.48 12.66 -3.58
CA ILE A 326 13.15 12.60 -4.91
C ILE A 326 13.30 11.14 -5.37
N ASN A 327 13.70 10.27 -4.43
CA ASN A 327 13.91 8.83 -4.58
C ASN A 327 12.65 8.09 -4.93
N ALA A 328 11.65 8.52 -4.27
CA ALA A 328 10.42 7.79 -4.44
C ALA A 328 9.76 8.08 -5.75
N ALA A 329 10.00 9.32 -6.14
CA ALA A 329 9.67 9.76 -7.47
C ALA A 329 10.45 9.06 -8.56
N LYS A 330 11.76 9.14 -8.39
CA LYS A 330 12.65 8.21 -9.05
C LYS A 330 12.20 6.73 -9.07
N SER A 331 11.59 6.34 -8.01
CA SER A 331 11.27 4.93 -7.98
C SER A 331 9.81 4.62 -8.27
N SER A 332 9.13 5.62 -8.79
CA SER A 332 7.82 5.34 -9.28
C SER A 332 7.76 4.35 -10.48
N PHE A 333 6.53 3.77 -10.51
CA PHE A 333 6.15 2.93 -11.64
C PHE A 333 5.54 3.75 -12.82
N LEU A 334 5.46 5.09 -12.66
CA LEU A 334 5.24 5.95 -13.81
C LEU A 334 6.12 5.62 -14.98
N PRO A 335 5.51 5.83 -16.12
CA PRO A 335 6.35 5.89 -17.30
C PRO A 335 7.37 6.99 -17.30
N GLU A 336 8.40 6.67 -18.02
CA GLU A 336 9.63 7.50 -18.12
C GLU A 336 9.53 8.94 -18.33
N ASP A 337 8.76 9.25 -19.35
CA ASP A 337 8.51 10.64 -19.64
C ASP A 337 7.81 11.39 -18.54
N GLU A 338 6.78 10.75 -17.99
CA GLU A 338 6.04 11.33 -16.80
C GLU A 338 6.64 11.25 -15.42
N LYS A 339 7.62 10.38 -15.33
CA LYS A 339 8.47 10.40 -14.15
C LYS A 339 9.46 11.53 -14.15
N LYS A 340 10.07 11.83 -15.29
CA LYS A 340 10.84 13.11 -15.31
C LYS A 340 10.23 14.44 -14.88
N GLU A 341 8.97 14.52 -15.27
CA GLU A 341 7.99 15.58 -14.93
C GLU A 341 7.57 15.61 -13.51
N LEU A 342 7.34 14.38 -12.93
CA LEU A 342 7.37 14.39 -11.48
C LEU A 342 8.68 14.93 -10.97
N LEU A 343 9.81 14.40 -11.42
CA LEU A 343 10.99 15.01 -10.79
C LEU A 343 11.17 16.55 -10.90
N ASP A 344 10.85 17.09 -12.13
CA ASP A 344 10.88 18.57 -12.30
C ASP A 344 9.95 19.26 -11.33
N LEU A 345 8.82 18.63 -11.12
CA LEU A 345 7.98 19.25 -10.10
C LEU A 345 8.55 19.38 -8.67
N LEU A 346 9.27 18.29 -8.32
CA LEU A 346 9.81 18.29 -6.97
C LEU A 346 11.13 19.09 -6.81
N TYR A 347 11.87 19.15 -7.94
CA TYR A 347 13.18 19.81 -7.91
C TYR A 347 12.90 21.31 -7.68
N LYS A 348 11.93 21.73 -8.52
CA LYS A 348 11.39 23.08 -8.29
C LYS A 348 10.71 23.32 -6.98
N ALA A 349 9.66 22.53 -6.60
CA ALA A 349 9.30 22.73 -5.20
C ALA A 349 10.36 22.56 -4.14
N TYR A 350 11.37 21.78 -4.34
CA TYR A 350 12.27 21.80 -3.21
C TYR A 350 13.29 22.99 -3.22
N ARG A 351 13.11 24.00 -4.14
CA ARG A 351 14.23 24.91 -3.84
C ARG A 351 14.01 26.38 -3.17
#